data_6VTN
#
_entry.id   6VTN
#
_cell.length_a   84.751
_cell.length_b   84.751
_cell.length_c   137.959
_cell.angle_alpha   90.000
_cell.angle_beta   90.000
_cell.angle_gamma   120.000
#
_symmetry.space_group_name_H-M   'P 64'
#
loop_
_entity.id
_entity.type
_entity.pdbx_description
1 polymer 'Dihydroorotate dehydrogenase (quinone), mitochondrial'
2 non-polymer N-cyclopropyl-4-{[2-fluoro-4-(trifluoromethyl)phenyl]methyl}-3-methyl-1H-pyrrole-2-carboxamide
3 non-polymer 'FLAVIN MONONUCLEOTIDE'
4 non-polymer 'OROTIC ACID'
5 water water
#
_entity_poly.entity_id   1
_entity_poly.type   'polypeptide(L)'
_entity_poly.pdbx_seq_one_letter_code
;MGHHHHHHAENLYFQGADPFESYNPEFFLYDIFLKFCLKYIDGEICHDLFLLLGKYNILPYDTSNDSIYACTNIKHLDFI
NPFGVAAGFDKNGVCIDSILKLGFSFIEIGTITPRGQTGNAKPRIFRDVESRSIINSCGFNNMGCDKVTENLILFRKRQE
EDKLLSKHIVGVSIGKNKDTVNIVDDLKYCINKIGRYADYIAINVSSPNTPGLRDNQEAGKLKNIILSVKEEIDNLEKNN
IMNDEFLWFNTTKKKPLVFVKLAPDLNQEQKKEIADVLLETNIDGMIISNTTTQINDIKSFENKKGGVSGAKLKDISTKF
ICEMYNYTNKQIPIIASGGIFSGLDALEKIEAGASVCQLYSCLVFNGMKSAVQIKRELNHLLYQRGYYNLKEAIGRKHSK
S
;
_entity_poly.pdbx_strand_id   A
#
loop_
_chem_comp.id
_chem_comp.type
_chem_comp.name
_chem_comp.formula
FMN non-polymer 'FLAVIN MONONUCLEOTIDE' 'C17 H21 N4 O9 P'
ORO non-polymer 'OROTIC ACID' 'C5 H4 N2 O4'
RL7 non-polymer N-cyclopropyl-4-{[2-fluoro-4-(trifluoromethyl)phenyl]methyl}-3-methyl-1H-pyrrole-2-carboxamide 'C17 H16 F4 N2 O'
#
# COMPACT_ATOMS: atom_id res chain seq x y z
N ASN A 24 -18.88 6.39 -17.97
CA ASN A 24 -19.83 7.07 -17.11
C ASN A 24 -19.73 8.59 -17.27
N PRO A 25 -20.86 9.29 -17.14
CA PRO A 25 -20.78 10.76 -17.06
C PRO A 25 -19.98 11.24 -15.86
N GLU A 26 -20.05 10.54 -14.72
CA GLU A 26 -19.31 10.99 -13.54
C GLU A 26 -17.80 10.94 -13.78
N PHE A 27 -17.33 9.92 -14.51
CA PHE A 27 -15.91 9.85 -14.84
C PHE A 27 -15.48 10.96 -15.78
N PHE A 28 -16.41 11.52 -16.55
CA PHE A 28 -16.04 12.50 -17.57
C PHE A 28 -15.62 13.82 -16.93
N LEU A 29 -16.46 14.38 -16.05
CA LEU A 29 -16.13 15.68 -15.46
C LEU A 29 -14.91 15.61 -14.56
N TYR A 30 -14.69 14.46 -13.90
CA TYR A 30 -13.54 14.36 -13.00
C TYR A 30 -12.23 14.34 -13.77
N ASP A 31 -12.24 13.86 -15.02
CA ASP A 31 -11.02 13.89 -15.83
C ASP A 31 -10.71 15.29 -16.34
N ILE A 32 -11.73 16.12 -16.53
CA ILE A 32 -11.48 17.51 -16.90
C ILE A 32 -10.94 18.28 -15.71
N PHE A 33 -11.55 18.09 -14.54
CA PHE A 33 -10.99 18.67 -13.31
C PHE A 33 -9.56 18.20 -13.09
N LEU A 34 -9.31 16.91 -13.30
CA LEU A 34 -7.98 16.36 -13.07
C LEU A 34 -6.94 17.04 -13.95
N LYS A 35 -7.25 17.21 -15.23
CA LYS A 35 -6.27 17.83 -16.13
C LYS A 35 -6.04 19.30 -15.78
N PHE A 36 -7.06 19.99 -15.25
CA PHE A 36 -6.85 21.34 -14.74
C PHE A 36 -5.93 21.33 -13.52
N CYS A 37 -6.13 20.36 -12.63
CA CYS A 37 -5.37 20.34 -11.38
C CYS A 37 -3.91 20.08 -11.64
N LEU A 38 -3.58 19.08 -12.45
CA LEU A 38 -2.18 18.73 -12.67
C LEU A 38 -1.40 19.83 -13.37
N LYS A 39 -2.08 20.76 -14.03
CA LYS A 39 -1.38 21.85 -14.72
C LYS A 39 -1.10 23.02 -13.80
N TYR A 40 -2.04 23.38 -12.92
CA TYR A 40 -1.97 24.65 -12.22
C TYR A 40 -1.82 24.54 -10.71
N ILE A 41 -2.27 23.45 -10.10
CA ILE A 41 -2.47 23.39 -8.65
C ILE A 41 -1.32 22.65 -7.98
N ASP A 42 -0.94 23.11 -6.79
CA ASP A 42 0.08 22.44 -6.01
C ASP A 42 -0.32 20.99 -5.78
N GLY A 43 0.67 20.10 -5.83
CA GLY A 43 0.38 18.68 -5.78
C GLY A 43 -0.32 18.26 -4.50
N GLU A 44 0.19 18.72 -3.35
CA GLU A 44 -0.43 18.34 -2.09
C GLU A 44 -1.82 18.93 -1.94
N ILE A 45 -2.06 20.12 -2.49
CA ILE A 45 -3.39 20.69 -2.49
C ILE A 45 -4.34 19.81 -3.29
N CYS A 46 -3.88 19.37 -4.47
CA CYS A 46 -4.67 18.44 -5.27
C CYS A 46 -5.03 17.20 -4.45
N HIS A 47 -4.04 16.63 -3.76
CA HIS A 47 -4.27 15.42 -3.00
C HIS A 47 -5.32 15.63 -1.92
N ASP A 48 -5.16 16.70 -1.13
CA ASP A 48 -6.12 16.98 -0.06
C ASP A 48 -7.50 17.35 -0.60
N LEU A 49 -7.57 17.82 -1.85
CA LEU A 49 -8.87 18.06 -2.48
C LEU A 49 -9.54 16.73 -2.82
N PHE A 50 -8.80 15.82 -3.46
CA PHE A 50 -9.29 14.47 -3.67
C PHE A 50 -9.82 13.88 -2.37
N LEU A 51 -9.02 13.96 -1.30
CA LEU A 51 -9.44 13.38 -0.03
C LEU A 51 -10.72 14.04 0.49
N LEU A 52 -10.88 15.34 0.25
CA LEU A 52 -12.08 16.03 0.71
C LEU A 52 -13.30 15.58 -0.08
N LEU A 53 -13.18 15.51 -1.41
CA LEU A 53 -14.27 14.96 -2.21
C LEU A 53 -14.64 13.56 -1.74
N GLY A 54 -13.64 12.76 -1.37
CA GLY A 54 -13.92 11.46 -0.81
C GLY A 54 -14.59 11.53 0.54
N LYS A 55 -14.23 12.53 1.35
CA LYS A 55 -14.80 12.63 2.68
C LYS A 55 -16.30 12.92 2.63
N TYR A 56 -16.74 13.70 1.65
CA TYR A 56 -18.16 13.99 1.47
C TYR A 56 -18.84 13.04 0.49
N ASN A 57 -18.15 11.96 0.09
CA ASN A 57 -18.75 10.88 -0.67
C ASN A 57 -19.39 11.39 -1.95
N ILE A 58 -18.60 12.09 -2.76
CA ILE A 58 -19.08 12.55 -4.07
C ILE A 58 -18.15 12.07 -5.17
N LEU A 59 -17.47 10.96 -4.94
CA LEU A 59 -16.69 10.30 -6.00
C LEU A 59 -17.52 9.21 -6.64
N PRO A 60 -17.15 8.77 -7.84
CA PRO A 60 -17.92 7.72 -8.51
C PRO A 60 -17.85 6.39 -7.75
N TYR A 61 -18.81 5.53 -8.05
CA TYR A 61 -18.81 4.16 -7.55
C TYR A 61 -18.52 3.21 -8.70
N ASP A 62 -17.80 2.12 -8.42
CA ASP A 62 -17.75 0.95 -9.29
C ASP A 62 -18.56 -0.13 -8.57
N THR A 63 -19.78 -0.37 -9.04
CA THR A 63 -20.69 -1.34 -8.44
C THR A 63 -20.59 -2.71 -9.08
N SER A 64 -19.75 -2.88 -10.09
CA SER A 64 -19.76 -4.10 -10.87
C SER A 64 -19.18 -5.28 -10.10
N ASN A 65 -19.63 -6.48 -10.46
CA ASN A 65 -19.03 -7.69 -9.95
C ASN A 65 -17.68 -7.92 -10.64
N ASP A 66 -16.64 -8.07 -9.83
CA ASP A 66 -15.31 -8.31 -10.39
C ASP A 66 -15.20 -9.73 -10.93
N SER A 67 -14.38 -9.89 -11.96
CA SER A 67 -14.17 -11.20 -12.57
C SER A 67 -13.71 -12.19 -11.51
N ILE A 68 -14.30 -13.39 -11.51
CA ILE A 68 -13.88 -14.42 -10.57
C ILE A 68 -12.51 -14.97 -10.93
N TYR A 69 -12.03 -14.71 -12.14
CA TYR A 69 -10.76 -15.24 -12.62
C TYR A 69 -9.59 -14.33 -12.31
N ALA A 70 -9.84 -13.09 -11.92
CA ALA A 70 -8.79 -12.16 -11.51
C ALA A 70 -8.73 -11.99 -9.99
N CYS A 71 -9.45 -12.82 -9.23
CA CYS A 71 -9.38 -12.76 -7.78
C CYS A 71 -8.12 -13.48 -7.29
N THR A 72 -7.64 -13.06 -6.14
CA THR A 72 -6.40 -13.60 -5.60
C THR A 72 -6.46 -13.54 -4.07
N ASN A 73 -5.44 -14.11 -3.44
CA ASN A 73 -5.40 -14.18 -1.98
C ASN A 73 -3.95 -14.24 -1.52
N ILE A 74 -3.76 -13.93 -0.24
CA ILE A 74 -2.51 -14.14 0.47
C ILE A 74 -2.89 -14.78 1.80
N LYS A 75 -2.65 -16.09 1.92
CA LYS A 75 -3.15 -16.89 3.05
C LYS A 75 -4.65 -16.65 3.10
N HIS A 76 -5.23 -16.25 4.24
CA HIS A 76 -6.68 -16.17 4.37
C HIS A 76 -7.25 -14.83 3.90
N LEU A 77 -6.43 -13.93 3.40
CA LEU A 77 -6.93 -12.66 2.87
C LEU A 77 -7.45 -12.89 1.45
N ASP A 78 -8.75 -12.70 1.25
CA ASP A 78 -9.39 -12.93 -0.04
C ASP A 78 -9.65 -11.58 -0.71
N PHE A 79 -8.86 -11.27 -1.73
CA PHE A 79 -9.02 -10.04 -2.49
C PHE A 79 -10.02 -10.26 -3.62
N ILE A 80 -11.08 -9.45 -3.65
CA ILE A 80 -12.07 -9.62 -4.71
C ILE A 80 -11.48 -9.30 -6.07
N ASN A 81 -10.46 -8.45 -6.12
CA ASN A 81 -9.71 -8.18 -7.35
C ASN A 81 -8.30 -7.81 -6.94
N PRO A 82 -7.35 -7.84 -7.90
CA PRO A 82 -5.92 -7.76 -7.53
C PRO A 82 -5.37 -6.35 -7.35
N PHE A 83 -6.19 -5.31 -7.33
CA PHE A 83 -5.70 -3.94 -7.31
C PHE A 83 -6.16 -3.25 -6.03
N GLY A 84 -5.19 -2.73 -5.28
CA GLY A 84 -5.44 -1.91 -4.12
C GLY A 84 -4.72 -0.57 -4.23
N VAL A 85 -4.94 0.25 -3.22
CA VAL A 85 -4.31 1.57 -3.12
C VAL A 85 -3.20 1.49 -2.09
N ALA A 86 -2.03 2.03 -2.45
CA ALA A 86 -0.83 1.87 -1.64
C ALA A 86 -0.86 2.83 -0.45
N ALA A 87 0.08 2.59 0.48
CA ALA A 87 0.19 3.42 1.66
C ALA A 87 0.56 4.85 1.28
N GLY A 88 0.21 5.79 2.16
CA GLY A 88 0.51 7.18 1.96
C GLY A 88 -0.49 7.93 1.11
N PHE A 89 -1.54 7.26 0.62
CA PHE A 89 -2.60 7.95 -0.10
C PHE A 89 -3.63 8.51 0.86
N ASP A 90 -4.20 7.65 1.71
CA ASP A 90 -5.09 8.05 2.79
C ASP A 90 -4.34 7.81 4.10
N LYS A 91 -3.40 8.71 4.40
CA LYS A 91 -2.53 8.51 5.55
C LYS A 91 -3.31 8.40 6.85
N ASN A 92 -4.44 9.09 6.95
CA ASN A 92 -5.20 9.17 8.20
C ASN A 92 -6.54 8.44 8.14
N GLY A 93 -6.83 7.74 7.04
CA GLY A 93 -8.08 7.00 6.95
C GLY A 93 -9.31 7.87 6.99
N VAL A 94 -9.29 9.00 6.29
CA VAL A 94 -10.43 9.92 6.34
C VAL A 94 -11.48 9.63 5.27
N CYS A 95 -11.15 8.86 4.24
CA CYS A 95 -12.14 8.51 3.21
C CYS A 95 -11.83 7.12 2.67
N ILE A 96 -11.81 6.14 3.55
CA ILE A 96 -11.54 4.76 3.15
C ILE A 96 -12.65 4.25 2.24
N ASP A 97 -13.91 4.46 2.63
CA ASP A 97 -15.02 3.97 1.83
C ASP A 97 -14.94 4.48 0.39
N SER A 98 -14.82 5.79 0.24
CA SER A 98 -14.92 6.40 -1.08
C SER A 98 -13.85 5.86 -2.03
N ILE A 99 -12.61 5.76 -1.54
CA ILE A 99 -11.52 5.25 -2.38
C ILE A 99 -11.79 3.80 -2.76
N LEU A 100 -12.20 2.98 -1.79
CA LEU A 100 -12.50 1.59 -2.08
C LEU A 100 -13.61 1.47 -3.11
N LYS A 101 -14.65 2.29 -2.98
CA LYS A 101 -15.79 2.21 -3.88
C LYS A 101 -15.46 2.63 -5.30
N LEU A 102 -14.26 3.16 -5.55
CA LEU A 102 -13.82 3.42 -6.92
C LEU A 102 -13.55 2.12 -7.69
N GLY A 103 -13.48 0.99 -6.99
CA GLY A 103 -13.27 -0.28 -7.65
C GLY A 103 -12.09 -1.07 -7.13
N PHE A 104 -11.48 -0.59 -6.04
CA PHE A 104 -10.32 -1.25 -5.47
C PHE A 104 -10.74 -2.31 -4.46
N SER A 105 -9.93 -3.35 -4.35
CA SER A 105 -10.20 -4.45 -3.43
C SER A 105 -9.67 -4.20 -2.03
N PHE A 106 -8.66 -3.35 -1.88
CA PHE A 106 -8.12 -3.06 -0.56
C PHE A 106 -7.37 -1.74 -0.60
N ILE A 107 -7.14 -1.20 0.59
CA ILE A 107 -6.36 0.03 0.76
C ILE A 107 -5.46 -0.16 1.97
N GLU A 108 -4.26 0.41 1.90
CA GLU A 108 -3.31 0.42 3.00
C GLU A 108 -3.26 1.85 3.53
N ILE A 109 -3.90 2.09 4.67
CA ILE A 109 -3.83 3.42 5.27
C ILE A 109 -2.52 3.59 6.03
N GLY A 110 -2.19 4.85 6.34
CA GLY A 110 -0.90 5.19 6.87
C GLY A 110 0.04 5.68 5.78
N THR A 111 1.33 5.68 6.09
CA THR A 111 1.87 5.19 7.36
C THR A 111 1.51 6.09 8.52
N ILE A 112 1.27 5.47 9.67
CA ILE A 112 0.91 6.22 10.87
C ILE A 112 2.03 6.08 11.89
N THR A 113 2.05 7.00 12.84
CA THR A 113 2.98 7.02 13.96
C THR A 113 2.17 7.16 15.24
N PRO A 114 2.75 6.74 16.37
CA PRO A 114 1.99 6.86 17.64
C PRO A 114 1.44 8.25 17.90
N ARG A 115 2.28 9.26 17.76
CA ARG A 115 1.88 10.65 17.93
C ARG A 115 1.68 11.30 16.57
N GLY A 116 0.73 12.23 16.50
CA GLY A 116 0.60 13.04 15.31
C GLY A 116 1.85 13.86 15.07
N GLN A 117 2.11 14.16 13.80
CA GLN A 117 3.25 15.01 13.47
C GLN A 117 3.02 15.63 12.10
N THR A 118 3.61 16.81 11.90
CA THR A 118 3.36 17.60 10.71
C THR A 118 4.18 17.14 9.51
N GLY A 119 5.30 16.49 9.74
CA GLY A 119 6.17 16.11 8.65
C GLY A 119 7.10 17.24 8.25
N ASN A 120 7.74 17.06 7.10
CA ASN A 120 8.74 18.00 6.64
C ASN A 120 8.10 19.27 6.09
N ALA A 121 8.94 20.27 5.85
CA ALA A 121 8.47 21.55 5.36
C ALA A 121 7.86 21.42 3.97
N LYS A 122 6.76 22.13 3.75
CA LYS A 122 6.17 22.24 2.42
C LYS A 122 6.88 23.31 1.61
N PRO A 123 6.84 23.22 0.27
CA PRO A 123 6.25 22.15 -0.53
C PRO A 123 7.12 20.89 -0.53
N ARG A 124 6.48 19.73 -0.44
CA ARG A 124 7.19 18.46 -0.35
C ARG A 124 6.67 17.44 -1.35
N ILE A 125 5.82 17.84 -2.28
CA ILE A 125 5.29 16.94 -3.30
C ILE A 125 5.36 17.64 -4.64
N PHE A 126 5.96 16.97 -5.63
CA PHE A 126 6.09 17.50 -6.97
C PHE A 126 5.81 16.40 -7.98
N ARG A 127 5.12 16.77 -9.05
CA ARG A 127 4.76 15.84 -10.11
C ARG A 127 5.38 16.32 -11.42
N ASP A 128 5.84 15.36 -12.23
CA ASP A 128 6.21 15.63 -13.61
C ASP A 128 5.28 14.78 -14.49
N VAL A 129 4.26 15.42 -15.06
CA VAL A 129 3.25 14.71 -15.85
C VAL A 129 3.87 13.98 -17.02
N GLU A 130 4.94 14.53 -17.60
CA GLU A 130 5.50 13.98 -18.83
C GLU A 130 5.94 12.54 -18.64
N SER A 131 6.71 12.27 -17.58
CA SER A 131 7.21 10.94 -17.29
C SER A 131 6.34 10.19 -16.29
N ARG A 132 5.17 10.74 -15.95
CA ARG A 132 4.28 10.13 -14.97
C ARG A 132 5.05 9.73 -13.72
N SER A 133 5.69 10.73 -13.11
CA SER A 133 6.57 10.51 -11.97
C SER A 133 6.26 11.51 -10.88
N ILE A 134 6.49 11.07 -9.64
CA ILE A 134 6.24 11.88 -8.44
C ILE A 134 7.48 11.80 -7.57
N ILE A 135 7.76 12.90 -6.88
CA ILE A 135 8.82 12.94 -5.87
C ILE A 135 8.23 13.59 -4.63
N ASN A 136 8.57 13.04 -3.46
CA ASN A 136 7.95 13.51 -2.22
C ASN A 136 8.94 13.38 -1.08
N SER A 137 8.87 14.34 -0.15
CA SER A 137 9.59 14.29 1.12
C SER A 137 8.62 14.65 2.25
N CYS A 138 7.54 13.87 2.35
CA CYS A 138 6.47 14.21 3.30
C CYS A 138 6.95 14.05 4.74
N GLY A 139 7.65 12.96 5.03
CA GLY A 139 8.12 12.73 6.39
C GLY A 139 7.06 12.28 7.37
N PHE A 140 6.17 11.38 6.95
CA PHE A 140 5.19 10.76 7.83
C PHE A 140 4.27 11.79 8.50
N ASN A 141 3.71 12.69 7.68
CA ASN A 141 2.68 13.58 8.20
C ASN A 141 1.41 12.78 8.43
N ASN A 142 0.93 12.74 9.68
CA ASN A 142 -0.29 12.03 10.00
C ASN A 142 -0.80 12.50 11.36
N MET A 143 -2.10 12.29 11.57
CA MET A 143 -2.75 12.75 12.80
C MET A 143 -2.43 11.89 14.01
N GLY A 144 -1.71 10.80 13.84
CA GLY A 144 -1.34 9.97 14.97
C GLY A 144 -2.25 8.77 15.13
N CYS A 145 -1.77 7.79 15.90
CA CYS A 145 -2.44 6.49 15.95
C CYS A 145 -3.82 6.58 16.56
N ASP A 146 -3.98 7.34 17.64
CA ASP A 146 -5.26 7.39 18.34
C ASP A 146 -6.36 7.91 17.42
N LYS A 147 -6.10 9.03 16.74
CA LYS A 147 -7.13 9.62 15.87
C LYS A 147 -7.41 8.72 14.67
N VAL A 148 -6.36 8.20 14.03
CA VAL A 148 -6.57 7.31 12.89
C VAL A 148 -7.32 6.07 13.33
N THR A 149 -7.03 5.57 14.53
CA THR A 149 -7.78 4.44 15.05
C THR A 149 -9.27 4.76 15.17
N GLU A 150 -9.62 5.95 15.67
CA GLU A 150 -11.03 6.33 15.69
C GLU A 150 -11.58 6.30 14.29
N ASN A 151 -10.82 6.85 13.33
CA ASN A 151 -11.30 6.90 11.95
C ASN A 151 -11.57 5.51 11.41
N LEU A 152 -10.66 4.56 11.65
CA LEU A 152 -10.85 3.20 11.14
C LEU A 152 -12.04 2.52 11.82
N ILE A 153 -12.23 2.76 13.12
CA ILE A 153 -13.37 2.18 13.81
C ILE A 153 -14.67 2.65 13.18
N LEU A 154 -14.77 3.95 12.89
CA LEU A 154 -15.96 4.47 12.24
C LEU A 154 -16.16 3.80 10.88
N PHE A 155 -15.07 3.58 10.13
CA PHE A 155 -15.22 2.87 8.87
C PHE A 155 -15.77 1.47 9.10
N ARG A 156 -15.22 0.76 10.08
CA ARG A 156 -15.63 -0.62 10.31
C ARG A 156 -17.10 -0.69 10.70
N LYS A 157 -17.63 0.34 11.37
CA LYS A 157 -19.05 0.35 11.69
C LYS A 157 -19.88 0.62 10.44
N ARG A 158 -19.43 1.54 9.59
CA ARG A 158 -20.10 1.74 8.32
C ARG A 158 -19.98 0.50 7.45
N GLN A 159 -18.85 -0.19 7.52
CA GLN A 159 -18.66 -1.40 6.71
C GLN A 159 -19.72 -2.44 7.04
N GLU A 160 -20.08 -2.56 8.31
CA GLU A 160 -21.13 -3.50 8.69
C GLU A 160 -22.44 -3.18 7.98
N GLU A 161 -22.69 -1.89 7.76
CA GLU A 161 -23.99 -1.43 7.30
C GLU A 161 -24.03 -1.10 5.81
N ASP A 162 -22.91 -1.22 5.10
CA ASP A 162 -22.85 -0.87 3.69
C ASP A 162 -22.64 -2.12 2.84
N LYS A 163 -23.55 -2.34 1.90
CA LYS A 163 -23.50 -3.53 1.03
C LYS A 163 -22.20 -3.60 0.25
N LEU A 164 -21.66 -2.46 -0.15
CA LEU A 164 -20.56 -2.43 -1.09
C LEU A 164 -19.20 -2.64 -0.45
N LEU A 165 -19.12 -2.65 0.88
CA LEU A 165 -17.84 -2.68 1.56
C LEU A 165 -17.55 -4.01 2.26
N SER A 166 -18.44 -5.00 2.13
CA SER A 166 -18.41 -6.13 3.05
C SER A 166 -17.18 -7.02 2.87
N LYS A 167 -16.51 -6.98 1.72
CA LYS A 167 -15.35 -7.84 1.49
C LYS A 167 -14.07 -7.06 1.23
N HIS A 168 -14.11 -5.73 1.34
CA HIS A 168 -12.91 -4.94 1.12
C HIS A 168 -11.96 -5.06 2.30
N ILE A 169 -10.67 -5.11 2.02
CA ILE A 169 -9.65 -5.32 3.04
C ILE A 169 -8.97 -3.99 3.31
N VAL A 170 -8.66 -3.73 4.58
CA VAL A 170 -7.96 -2.54 5.01
C VAL A 170 -6.73 -2.97 5.79
N GLY A 171 -5.56 -2.63 5.27
CA GLY A 171 -4.33 -2.79 6.00
C GLY A 171 -3.87 -1.46 6.58
N VAL A 172 -3.00 -1.53 7.57
CA VAL A 172 -2.48 -0.35 8.26
C VAL A 172 -0.96 -0.39 8.19
N SER A 173 -0.37 0.63 7.57
CA SER A 173 1.08 0.79 7.55
C SER A 173 1.52 1.55 8.78
N ILE A 174 2.56 1.06 9.45
CA ILE A 174 2.98 1.64 10.73
C ILE A 174 4.46 1.96 10.67
N GLY A 175 4.82 3.04 11.36
CA GLY A 175 6.19 3.50 11.44
C GLY A 175 6.45 4.13 12.79
N LYS A 176 7.34 5.12 12.80
CA LYS A 176 7.75 5.76 14.04
C LYS A 176 7.77 7.27 13.86
N ASN A 177 7.60 7.99 14.96
CA ASN A 177 7.71 9.43 14.95
C ASN A 177 9.15 9.84 14.63
N LYS A 178 9.29 11.08 14.17
CA LYS A 178 10.60 11.58 13.74
C LYS A 178 11.66 11.38 14.81
N ASP A 179 11.39 11.86 16.02
CA ASP A 179 12.38 11.88 17.09
C ASP A 179 12.40 10.59 17.91
N THR A 180 11.52 9.64 17.62
CA THR A 180 11.58 8.35 18.29
C THR A 180 12.91 7.66 18.00
N VAL A 181 13.53 7.12 19.04
CA VAL A 181 14.77 6.37 18.90
C VAL A 181 14.53 4.87 18.83
N ASN A 182 13.59 4.37 19.62
CA ASN A 182 13.25 2.95 19.62
C ASN A 182 12.05 2.74 18.70
N ILE A 183 12.31 2.32 17.47
CA ILE A 183 11.23 2.08 16.52
C ILE A 183 10.28 1.02 17.07
N VAL A 184 10.82 0.01 17.74
CA VAL A 184 9.98 -1.10 18.20
C VAL A 184 8.94 -0.58 19.19
N ASP A 185 9.32 0.37 20.05
CA ASP A 185 8.34 0.95 20.97
C ASP A 185 7.17 1.57 20.23
N ASP A 186 7.46 2.22 19.09
CA ASP A 186 6.40 2.87 18.32
C ASP A 186 5.54 1.84 17.61
N LEU A 187 6.17 0.86 16.96
CA LEU A 187 5.41 -0.18 16.28
C LEU A 187 4.46 -0.88 17.24
N LYS A 188 4.95 -1.23 18.43
CA LYS A 188 4.12 -1.97 19.39
C LYS A 188 2.97 -1.11 19.88
N TYR A 189 3.18 0.20 20.05
CA TYR A 189 2.10 1.06 20.49
C TYR A 189 0.97 1.06 19.47
N CYS A 190 1.30 1.23 18.19
CA CYS A 190 0.27 1.29 17.16
C CYS A 190 -0.51 -0.02 17.10
N ILE A 191 0.16 -1.15 17.29
CA ILE A 191 -0.51 -2.45 17.19
C ILE A 191 -1.56 -2.58 18.29
N ASN A 192 -1.19 -2.23 19.52
CA ASN A 192 -2.15 -2.33 20.62
C ASN A 192 -3.34 -1.40 20.42
N LYS A 193 -3.14 -0.32 19.66
CA LYS A 193 -4.22 0.63 19.41
C LYS A 193 -5.16 0.16 18.32
N ILE A 194 -4.61 -0.24 17.17
CA ILE A 194 -5.34 -0.34 15.92
C ILE A 194 -5.29 -1.73 15.32
N GLY A 195 -4.57 -2.66 15.96
CA GLY A 195 -4.43 -3.99 15.39
C GLY A 195 -5.73 -4.76 15.31
N ARG A 196 -6.63 -4.53 16.28
CA ARG A 196 -7.90 -5.22 16.27
C ARG A 196 -8.70 -4.92 15.01
N TYR A 197 -8.51 -3.74 14.44
CA TYR A 197 -9.34 -3.23 13.36
C TYR A 197 -8.69 -3.39 11.99
N ALA A 198 -7.54 -4.05 11.94
CA ALA A 198 -6.76 -4.15 10.72
C ALA A 198 -6.77 -5.58 10.20
N ASP A 199 -6.84 -5.71 8.87
CA ASP A 199 -6.76 -7.03 8.25
C ASP A 199 -5.31 -7.49 8.10
N TYR A 200 -4.38 -6.55 7.93
CA TYR A 200 -2.97 -6.86 7.95
C TYR A 200 -2.20 -5.62 8.40
N ILE A 201 -0.99 -5.85 8.89
CA ILE A 201 -0.11 -4.79 9.37
C ILE A 201 1.11 -4.73 8.46
N ALA A 202 1.39 -3.55 7.91
CA ALA A 202 2.56 -3.34 7.06
C ALA A 202 3.61 -2.57 7.87
N ILE A 203 4.76 -3.19 8.07
CA ILE A 203 5.87 -2.55 8.78
C ILE A 203 6.65 -1.73 7.77
N ASN A 204 6.67 -0.40 7.96
CA ASN A 204 7.38 0.49 7.05
C ASN A 204 8.79 0.72 7.58
N VAL A 205 9.77 0.14 6.89
CA VAL A 205 11.19 0.37 7.16
C VAL A 205 11.88 0.92 5.92
N SER A 206 11.12 1.46 4.98
CA SER A 206 11.65 1.83 3.67
C SER A 206 11.40 3.28 3.28
N SER A 207 10.78 4.09 4.13
CA SER A 207 10.61 5.49 3.81
C SER A 207 11.98 6.16 3.70
N PRO A 208 12.26 6.92 2.65
CA PRO A 208 13.55 7.63 2.58
C PRO A 208 13.54 8.97 3.30
N ASN A 209 12.38 9.43 3.80
CA ASN A 209 12.22 10.79 4.29
C ASN A 209 12.12 10.86 5.82
N THR A 210 12.47 9.80 6.52
CA THR A 210 12.65 9.86 7.98
C THR A 210 14.06 9.36 8.28
N PRO A 211 14.98 10.22 8.69
CA PRO A 211 16.39 9.83 8.75
C PRO A 211 16.62 8.55 9.53
N GLY A 212 17.44 7.66 8.97
CA GLY A 212 17.85 6.46 9.64
C GLY A 212 16.83 5.35 9.68
N LEU A 213 15.69 5.52 9.02
CA LEU A 213 14.67 4.48 9.04
C LEU A 213 15.11 3.25 8.27
N ARG A 214 15.66 3.45 7.08
CA ARG A 214 16.05 2.32 6.23
C ARG A 214 17.22 1.53 6.79
N ASP A 215 17.92 2.06 7.80
CA ASP A 215 18.92 1.28 8.50
C ASP A 215 18.31 0.12 9.28
N ASN A 216 17.00 0.17 9.52
CA ASN A 216 16.30 -0.95 10.17
C ASN A 216 16.10 -2.13 9.23
N GLN A 217 16.40 -1.97 7.95
CA GLN A 217 16.31 -3.09 7.02
C GLN A 217 17.47 -4.07 7.20
N GLU A 218 18.54 -3.67 7.89
CA GLU A 218 19.66 -4.58 8.12
C GLU A 218 19.17 -5.81 8.87
N ALA A 219 19.72 -6.97 8.50
CA ALA A 219 19.07 -8.25 8.80
C ALA A 219 18.79 -8.41 10.29
N GLY A 220 19.81 -8.22 11.13
CA GLY A 220 19.61 -8.42 12.55
C GLY A 220 18.59 -7.47 13.14
N LYS A 221 18.58 -6.22 12.67
CA LYS A 221 17.57 -5.27 13.12
C LYS A 221 16.18 -5.67 12.65
N LEU A 222 16.06 -6.02 11.36
CA LEU A 222 14.77 -6.42 10.82
C LEU A 222 14.19 -7.59 11.58
N LYS A 223 15.01 -8.60 11.87
CA LYS A 223 14.52 -9.79 12.56
C LYS A 223 13.89 -9.41 13.90
N ASN A 224 14.60 -8.62 14.71
CA ASN A 224 14.07 -8.22 16.00
C ASN A 224 12.76 -7.45 15.84
N ILE A 225 12.65 -6.63 14.80
CA ILE A 225 11.43 -5.88 14.57
C ILE A 225 10.27 -6.82 14.29
N ILE A 226 10.46 -7.73 13.33
CA ILE A 226 9.37 -8.60 12.90
C ILE A 226 8.84 -9.41 14.09
N LEU A 227 9.75 -10.00 14.88
CA LEU A 227 9.30 -10.83 15.99
C LEU A 227 8.57 -10.00 17.03
N SER A 228 9.03 -8.78 17.28
CA SER A 228 8.35 -7.92 18.25
C SER A 228 6.94 -7.57 17.77
N VAL A 229 6.78 -7.29 16.48
CA VAL A 229 5.46 -7.01 15.94
C VAL A 229 4.55 -8.22 16.11
N LYS A 230 5.03 -9.39 15.70
CA LYS A 230 4.21 -10.60 15.82
C LYS A 230 3.89 -10.91 17.27
N GLU A 231 4.84 -10.67 18.17
CA GLU A 231 4.57 -10.88 19.59
C GLU A 231 3.42 -9.99 20.06
N GLU A 232 3.44 -8.72 19.68
CA GLU A 232 2.41 -7.78 20.15
C GLU A 232 1.05 -8.12 19.55
N ILE A 233 1.02 -8.66 18.33
CA ILE A 233 -0.26 -9.04 17.72
C ILE A 233 -0.84 -10.24 18.45
N ASP A 234 0.01 -11.17 18.90
CA ASP A 234 -0.49 -12.34 19.60
C ASP A 234 -1.06 -11.96 20.97
N ASN A 235 -0.45 -10.97 21.63
CA ASN A 235 -0.92 -10.57 22.95
C ASN A 235 -2.22 -9.78 22.91
N LEU A 236 -2.65 -9.34 21.72
CA LEU A 236 -3.92 -8.64 21.62
C LEU A 236 -5.08 -9.51 22.09
N GLU A 237 -5.04 -10.80 21.75
CA GLU A 237 -6.17 -11.70 22.00
C GLU A 237 -6.10 -12.39 23.35
N LYS A 238 -5.10 -12.08 24.17
CA LYS A 238 -4.79 -12.92 25.32
C LYS A 238 -5.27 -12.38 26.66
N ASN A 239 -5.72 -11.13 26.73
CA ASN A 239 -6.47 -10.63 27.87
C ASN A 239 -7.92 -10.36 27.52
N ASN A 240 -8.37 -10.83 26.35
CA ASN A 240 -9.71 -10.56 25.85
C ASN A 240 -10.68 -11.60 26.36
N ILE A 241 -11.89 -11.16 26.69
CA ILE A 241 -12.91 -12.08 27.20
C ILE A 241 -13.97 -12.42 26.16
N MET A 242 -14.04 -11.69 25.05
CA MET A 242 -15.11 -11.88 24.10
C MET A 242 -14.73 -12.84 22.99
N ASN A 243 -15.77 -13.36 22.33
CA ASN A 243 -15.60 -14.31 21.24
C ASN A 243 -14.80 -13.68 20.09
N ASP A 244 -14.28 -14.55 19.22
CA ASP A 244 -13.51 -14.10 18.07
C ASP A 244 -14.22 -12.97 17.33
N GLU A 245 -15.50 -13.19 17.00
CA GLU A 245 -16.24 -12.22 16.20
C GLU A 245 -16.14 -10.82 16.76
N PHE A 246 -16.05 -10.67 18.08
CA PHE A 246 -16.11 -9.37 18.72
C PHE A 246 -14.75 -8.86 19.15
N LEU A 247 -13.69 -9.64 18.95
CA LEU A 247 -12.34 -9.15 19.15
C LEU A 247 -11.75 -8.57 17.87
N TRP A 248 -11.92 -9.28 16.75
CA TRP A 248 -11.39 -8.86 15.45
C TRP A 248 -12.51 -8.12 14.72
N PHE A 249 -12.57 -6.81 14.94
CA PHE A 249 -13.51 -5.94 14.25
C PHE A 249 -12.93 -5.49 12.92
N ASN A 250 -12.68 -6.48 12.06
CA ASN A 250 -12.08 -6.24 10.76
C ASN A 250 -12.86 -7.06 9.73
N THR A 251 -12.25 -7.27 8.55
CA THR A 251 -12.90 -8.01 7.48
C THR A 251 -12.67 -9.51 7.59
N THR A 252 -11.44 -9.92 7.92
CA THR A 252 -11.12 -11.33 8.00
C THR A 252 -11.71 -12.00 9.24
N LYS A 253 -12.03 -11.22 10.28
CA LYS A 253 -12.45 -11.75 11.57
C LYS A 253 -11.34 -12.57 12.22
N LYS A 254 -10.10 -12.27 11.85
CA LYS A 254 -8.91 -12.96 12.36
C LYS A 254 -7.88 -11.93 12.79
N LYS A 255 -6.81 -12.41 13.42
CA LYS A 255 -5.70 -11.54 13.75
C LYS A 255 -5.05 -11.03 12.47
N PRO A 256 -4.53 -9.81 12.47
CA PRO A 256 -3.93 -9.26 11.25
C PRO A 256 -2.66 -10.00 10.85
N LEU A 257 -2.55 -10.30 9.56
CA LEU A 257 -1.30 -10.79 9.02
C LEU A 257 -0.23 -9.70 9.13
N VAL A 258 1.02 -10.08 8.87
CA VAL A 258 2.15 -9.17 9.01
C VAL A 258 2.92 -9.15 7.71
N PHE A 259 2.95 -7.99 7.05
CA PHE A 259 3.79 -7.74 5.89
C PHE A 259 4.89 -6.75 6.26
N VAL A 260 5.93 -6.72 5.43
CA VAL A 260 7.00 -5.75 5.55
C VAL A 260 7.23 -5.12 4.19
N LYS A 261 7.43 -3.81 4.17
CA LYS A 261 7.63 -3.05 2.94
C LYS A 261 9.10 -2.66 2.83
N LEU A 262 9.73 -3.03 1.73
CA LEU A 262 11.16 -2.83 1.54
C LEU A 262 11.41 -1.73 0.51
N ALA A 263 12.56 -1.06 0.67
CA ALA A 263 12.99 -0.06 -0.29
C ALA A 263 13.80 -0.72 -1.41
N PRO A 264 13.77 -0.14 -2.61
CA PRO A 264 14.53 -0.75 -3.72
C PRO A 264 16.02 -0.48 -3.66
N ASP A 265 16.45 0.54 -2.90
CA ASP A 265 17.86 0.94 -2.87
C ASP A 265 18.62 0.07 -1.86
N LEU A 266 18.80 -1.19 -2.25
CA LEU A 266 19.59 -2.14 -1.48
C LEU A 266 20.47 -2.93 -2.44
N ASN A 267 21.58 -3.46 -1.92
CA ASN A 267 22.46 -4.29 -2.73
C ASN A 267 22.04 -5.75 -2.58
N GLN A 268 22.74 -6.64 -3.29
CA GLN A 268 22.26 -8.01 -3.43
C GLN A 268 22.52 -8.85 -2.19
N GLU A 269 23.62 -8.61 -1.47
CA GLU A 269 23.82 -9.34 -0.21
C GLU A 269 22.94 -8.82 0.91
N GLN A 270 22.50 -7.55 0.84
CA GLN A 270 21.44 -7.08 1.72
C GLN A 270 20.12 -7.75 1.39
N LYS A 271 19.82 -7.89 0.09
CA LYS A 271 18.57 -8.52 -0.31
C LYS A 271 18.50 -9.97 0.14
N LYS A 272 19.61 -10.69 0.01
CA LYS A 272 19.59 -12.12 0.33
C LYS A 272 19.52 -12.34 1.84
N GLU A 273 20.19 -11.50 2.62
CA GLU A 273 20.13 -11.67 4.07
C GLU A 273 18.78 -11.23 4.64
N ILE A 274 18.14 -10.22 4.04
CA ILE A 274 16.76 -9.93 4.38
C ILE A 274 15.87 -11.12 4.02
N ALA A 275 16.08 -11.67 2.82
CA ALA A 275 15.26 -12.79 2.36
C ALA A 275 15.25 -13.93 3.37
N ASP A 276 16.40 -14.20 3.99
CA ASP A 276 16.45 -15.28 4.96
C ASP A 276 15.75 -14.90 6.27
N VAL A 277 15.83 -13.62 6.68
CA VAL A 277 15.14 -13.21 7.89
C VAL A 277 13.63 -13.35 7.73
N LEU A 278 13.12 -13.08 6.52
CA LEU A 278 11.69 -13.18 6.29
C LEU A 278 11.20 -14.62 6.37
N LEU A 279 12.04 -15.58 6.01
CA LEU A 279 11.67 -16.98 6.14
C LEU A 279 11.85 -17.47 7.57
N GLU A 280 12.96 -17.11 8.21
CA GLU A 280 13.15 -17.47 9.60
C GLU A 280 12.01 -16.92 10.47
N THR A 281 11.53 -15.72 10.15
CA THR A 281 10.41 -15.14 10.89
C THR A 281 9.07 -15.73 10.49
N ASN A 282 8.99 -16.39 9.33
CA ASN A 282 7.72 -16.79 8.74
C ASN A 282 6.78 -15.58 8.65
N ILE A 283 7.24 -14.57 7.94
CA ILE A 283 6.43 -13.37 7.71
C ILE A 283 5.37 -13.68 6.67
N ASP A 284 4.21 -13.05 6.82
CA ASP A 284 3.05 -13.40 5.99
C ASP A 284 3.17 -12.88 4.56
N GLY A 285 3.96 -11.85 4.32
CA GLY A 285 4.13 -11.34 2.97
C GLY A 285 5.15 -10.23 2.93
N MET A 286 5.43 -9.76 1.72
CA MET A 286 6.41 -8.70 1.50
C MET A 286 5.86 -7.72 0.47
N ILE A 287 5.98 -6.43 0.75
CA ILE A 287 5.57 -5.37 -0.17
C ILE A 287 6.81 -4.84 -0.87
N ILE A 288 6.81 -4.90 -2.20
CA ILE A 288 7.94 -4.51 -3.04
C ILE A 288 7.37 -3.65 -4.16
N SER A 289 7.64 -2.34 -4.16
CA SER A 289 8.65 -1.67 -3.35
C SER A 289 8.21 -0.27 -2.90
N ASN A 290 9.02 0.36 -2.03
CA ASN A 290 8.81 1.75 -1.69
C ASN A 290 9.52 2.64 -2.73
N THR A 291 9.47 3.95 -2.52
CA THR A 291 10.08 4.88 -3.45
C THR A 291 11.60 4.69 -3.48
N THR A 292 12.23 5.24 -4.51
CA THR A 292 13.67 5.12 -4.71
C THR A 292 14.32 6.49 -4.70
N THR A 293 15.62 6.50 -4.36
CA THR A 293 16.42 7.71 -4.37
C THR A 293 17.44 7.72 -5.50
N GLN A 294 17.47 6.69 -6.35
CA GLN A 294 18.49 6.54 -7.37
C GLN A 294 18.04 6.99 -8.75
N ILE A 295 16.98 7.79 -8.84
CA ILE A 295 16.50 8.31 -10.12
C ILE A 295 16.95 9.76 -10.19
N ASN A 296 17.99 10.01 -11.02
CA ASN A 296 18.65 11.30 -11.11
C ASN A 296 18.47 11.92 -12.49
N ASP A 297 17.50 11.44 -13.28
CA ASP A 297 17.42 11.78 -14.70
C ASP A 297 16.13 12.50 -15.08
N ILE A 298 15.40 13.01 -14.10
CA ILE A 298 14.19 13.79 -14.37
C ILE A 298 14.53 15.25 -14.11
N LYS A 299 14.51 16.10 -15.15
CA LYS A 299 14.99 17.47 -14.96
C LYS A 299 14.12 18.18 -13.94
N SER A 300 12.78 18.05 -14.09
CA SER A 300 11.89 18.72 -13.14
C SER A 300 12.32 18.48 -11.68
N PHE A 301 13.06 17.41 -11.39
CA PHE A 301 13.31 16.96 -10.03
C PHE A 301 14.74 17.17 -9.55
N GLU A 302 15.63 17.75 -10.36
CA GLU A 302 17.05 17.63 -10.09
C GLU A 302 17.52 18.43 -8.89
N ASN A 303 16.69 19.34 -8.36
CA ASN A 303 17.03 20.03 -7.13
C ASN A 303 16.30 19.48 -5.91
N LYS A 304 15.29 18.63 -6.12
CA LYS A 304 14.34 18.34 -5.06
C LYS A 304 14.80 17.17 -4.19
N LYS A 305 14.23 17.13 -2.98
CA LYS A 305 14.45 16.06 -2.03
C LYS A 305 13.34 15.02 -2.17
N GLY A 306 13.66 13.78 -1.81
CA GLY A 306 12.65 12.79 -1.54
C GLY A 306 12.83 11.52 -2.34
N GLY A 307 11.80 10.69 -2.30
CA GLY A 307 11.79 9.44 -3.05
C GLY A 307 10.88 9.56 -4.26
N VAL A 308 11.30 8.92 -5.35
CA VAL A 308 10.63 9.05 -6.64
C VAL A 308 9.67 7.89 -6.83
N SER A 309 8.45 8.23 -7.25
CA SER A 309 7.43 7.25 -7.59
C SER A 309 7.13 7.32 -9.08
N GLY A 310 6.37 6.34 -9.56
CA GLY A 310 5.84 6.42 -10.90
C GLY A 310 6.47 5.50 -11.93
N ALA A 311 6.44 5.94 -13.19
CA ALA A 311 6.80 5.06 -14.29
C ALA A 311 8.27 4.68 -14.27
N LYS A 312 9.16 5.63 -14.00
CA LYS A 312 10.59 5.32 -13.99
C LYS A 312 10.95 4.33 -12.89
N LEU A 313 10.08 4.14 -11.89
CA LEU A 313 10.29 3.17 -10.82
C LEU A 313 9.84 1.76 -11.19
N LYS A 314 9.16 1.59 -12.33
CA LYS A 314 8.56 0.31 -12.65
C LYS A 314 9.61 -0.77 -12.83
N ASP A 315 10.52 -0.59 -13.79
CA ASP A 315 11.48 -1.65 -14.12
C ASP A 315 12.32 -2.05 -12.92
N ILE A 316 12.63 -1.09 -12.04
CA ILE A 316 13.43 -1.41 -10.87
C ILE A 316 12.63 -2.28 -9.89
N SER A 317 11.34 -2.00 -9.75
CA SER A 317 10.49 -2.75 -8.83
C SER A 317 10.33 -4.20 -9.30
N THR A 318 9.94 -4.38 -10.56
CA THR A 318 9.76 -5.73 -11.09
C THR A 318 11.02 -6.57 -10.87
N LYS A 319 12.18 -6.01 -11.21
CA LYS A 319 13.45 -6.66 -10.93
C LYS A 319 13.55 -7.09 -9.47
N PHE A 320 13.30 -6.16 -8.55
CA PHE A 320 13.39 -6.44 -7.13
C PHE A 320 12.40 -7.54 -6.72
N ILE A 321 11.24 -7.61 -7.36
CA ILE A 321 10.31 -8.70 -7.09
C ILE A 321 10.92 -10.03 -7.50
N CYS A 322 11.40 -10.13 -8.74
CA CYS A 322 11.97 -11.37 -9.22
C CYS A 322 13.05 -11.86 -8.26
N GLU A 323 13.94 -10.94 -7.83
CA GLU A 323 15.04 -11.34 -6.97
C GLU A 323 14.53 -11.90 -5.65
N MET A 324 13.52 -11.28 -5.05
CA MET A 324 13.06 -11.73 -3.74
C MET A 324 12.22 -12.99 -3.83
N TYR A 325 11.33 -13.08 -4.83
CA TYR A 325 10.63 -14.33 -5.10
C TYR A 325 11.62 -15.48 -5.20
N ASN A 326 12.78 -15.23 -5.82
CA ASN A 326 13.79 -16.26 -5.96
C ASN A 326 14.46 -16.56 -4.62
N TYR A 327 14.98 -15.52 -3.95
CA TYR A 327 15.76 -15.72 -2.75
C TYR A 327 14.92 -16.23 -1.58
N THR A 328 13.60 -16.05 -1.63
CA THR A 328 12.71 -16.60 -0.62
C THR A 328 12.14 -17.95 -1.03
N ASN A 329 12.59 -18.51 -2.16
CA ASN A 329 12.10 -19.80 -2.65
C ASN A 329 10.58 -19.79 -2.78
N LYS A 330 10.04 -18.61 -3.06
CA LYS A 330 8.61 -18.38 -3.34
C LYS A 330 7.72 -18.84 -2.17
N GLN A 331 8.23 -18.81 -0.95
CA GLN A 331 7.44 -19.11 0.24
C GLN A 331 6.84 -17.87 0.89
N ILE A 332 7.17 -16.67 0.41
CA ILE A 332 6.66 -15.44 1.01
C ILE A 332 5.84 -14.69 -0.05
N PRO A 333 4.52 -14.61 0.10
CA PRO A 333 3.72 -13.88 -0.89
C PRO A 333 4.17 -12.43 -1.02
N ILE A 334 3.91 -11.85 -2.19
CA ILE A 334 4.42 -10.53 -2.54
C ILE A 334 3.26 -9.61 -2.87
N ILE A 335 3.33 -8.39 -2.36
CA ILE A 335 2.47 -7.28 -2.78
C ILE A 335 3.33 -6.33 -3.60
N ALA A 336 2.93 -6.07 -4.83
CA ALA A 336 3.74 -5.27 -5.75
C ALA A 336 3.37 -3.79 -5.68
N SER A 337 4.38 -2.93 -5.67
CA SER A 337 4.21 -1.49 -5.68
C SER A 337 5.35 -0.88 -6.49
N GLY A 338 5.01 -0.03 -7.45
CA GLY A 338 6.02 0.63 -8.25
C GLY A 338 5.69 0.75 -9.72
N GLY A 339 5.12 1.89 -10.11
CA GLY A 339 4.92 2.20 -11.51
C GLY A 339 3.91 1.35 -12.23
N ILE A 340 2.83 0.96 -11.57
CA ILE A 340 1.77 0.17 -12.19
C ILE A 340 0.71 1.14 -12.70
N PHE A 341 0.59 1.27 -14.02
CA PHE A 341 -0.44 2.08 -14.63
C PHE A 341 -1.38 1.30 -15.54
N SER A 342 -0.94 0.16 -16.07
CA SER A 342 -1.68 -0.54 -17.11
C SER A 342 -1.85 -2.01 -16.74
N GLY A 343 -2.82 -2.64 -17.39
CA GLY A 343 -3.03 -4.06 -17.19
C GLY A 343 -1.78 -4.87 -17.46
N LEU A 344 -0.99 -4.45 -18.45
CA LEU A 344 0.24 -5.18 -18.74
C LEU A 344 1.29 -4.95 -17.66
N ASP A 345 1.44 -3.71 -17.19
CA ASP A 345 2.29 -3.45 -16.03
C ASP A 345 1.96 -4.41 -14.90
N ALA A 346 0.66 -4.54 -14.60
CA ALA A 346 0.24 -5.45 -13.52
C ALA A 346 0.65 -6.88 -13.84
N LEU A 347 0.48 -7.31 -15.09
CA LEU A 347 0.79 -8.69 -15.45
C LEU A 347 2.28 -8.99 -15.26
N GLU A 348 3.15 -8.02 -15.56
CA GLU A 348 4.58 -8.25 -15.36
C GLU A 348 4.91 -8.38 -13.89
N LYS A 349 4.21 -7.63 -13.03
CA LYS A 349 4.39 -7.79 -11.59
C LYS A 349 3.94 -9.18 -11.15
N ILE A 350 2.83 -9.66 -11.71
CA ILE A 350 2.30 -10.97 -11.32
C ILE A 350 3.22 -12.08 -11.82
N GLU A 351 3.57 -12.03 -13.11
CA GLU A 351 4.44 -13.07 -13.66
C GLU A 351 5.78 -13.11 -12.96
N ALA A 352 6.26 -11.96 -12.48
CA ALA A 352 7.51 -11.91 -11.74
C ALA A 352 7.39 -12.43 -10.32
N GLY A 353 6.17 -12.59 -9.80
CA GLY A 353 5.99 -13.26 -8.52
C GLY A 353 4.95 -12.68 -7.58
N ALA A 354 4.34 -11.56 -7.93
CA ALA A 354 3.41 -10.91 -7.01
C ALA A 354 2.02 -11.51 -7.10
N SER A 355 1.31 -11.51 -5.97
CA SER A 355 -0.08 -11.95 -5.91
C SER A 355 -1.06 -10.80 -6.10
N VAL A 356 -0.73 -9.61 -5.58
CA VAL A 356 -1.59 -8.45 -5.67
C VAL A 356 -0.77 -7.25 -6.13
N CYS A 357 -1.48 -6.17 -6.48
CA CYS A 357 -0.86 -4.96 -6.98
C CYS A 357 -1.42 -3.75 -6.25
N GLN A 358 -0.54 -2.81 -5.93
CA GLN A 358 -0.92 -1.56 -5.28
C GLN A 358 -0.70 -0.40 -6.24
N LEU A 359 -1.66 0.53 -6.26
CA LEU A 359 -1.61 1.69 -7.12
C LEU A 359 -1.40 2.95 -6.28
N TYR A 360 -0.63 3.90 -6.82
CA TYR A 360 -0.55 5.23 -6.23
C TYR A 360 -0.45 6.26 -7.36
N SER A 361 0.67 6.27 -8.07
CA SER A 361 0.86 7.25 -9.15
C SER A 361 -0.25 7.14 -10.18
N CYS A 362 -0.73 5.92 -10.45
CA CYS A 362 -1.80 5.74 -11.43
C CYS A 362 -3.00 6.61 -11.09
N LEU A 363 -3.44 6.55 -9.83
CA LEU A 363 -4.54 7.40 -9.39
C LEU A 363 -4.25 8.86 -9.66
N VAL A 364 -3.04 9.30 -9.34
CA VAL A 364 -2.70 10.72 -9.46
C VAL A 364 -2.88 11.19 -10.90
N PHE A 365 -2.41 10.39 -11.85
CA PHE A 365 -2.34 10.84 -13.24
C PHE A 365 -3.52 10.39 -14.09
N ASN A 366 -4.23 9.33 -13.70
CA ASN A 366 -5.36 8.84 -14.47
C ASN A 366 -6.71 9.11 -13.84
N GLY A 367 -6.77 9.35 -12.53
CA GLY A 367 -7.97 9.86 -11.90
C GLY A 367 -8.96 8.77 -11.49
N MET A 368 -10.22 9.20 -11.39
CA MET A 368 -11.29 8.34 -10.88
C MET A 368 -11.31 6.98 -11.56
N LYS A 369 -10.80 6.92 -12.79
CA LYS A 369 -10.96 5.79 -13.70
C LYS A 369 -9.97 4.65 -13.46
N SER A 370 -8.96 4.88 -12.62
CA SER A 370 -7.80 3.99 -12.59
C SER A 370 -8.20 2.53 -12.36
N ALA A 371 -9.06 2.28 -11.38
CA ALA A 371 -9.39 0.90 -11.04
C ALA A 371 -10.22 0.25 -12.15
N VAL A 372 -11.31 0.90 -12.55
CA VAL A 372 -12.17 0.33 -13.60
C VAL A 372 -11.36 0.01 -14.84
N GLN A 373 -10.48 0.94 -15.24
CA GLN A 373 -9.73 0.76 -16.47
C GLN A 373 -8.72 -0.37 -16.36
N ILE A 374 -7.89 -0.34 -15.32
CA ILE A 374 -6.83 -1.34 -15.20
C ILE A 374 -7.41 -2.74 -15.01
N LYS A 375 -8.58 -2.85 -14.40
CA LYS A 375 -9.19 -4.16 -14.20
C LYS A 375 -9.66 -4.74 -15.53
N ARG A 376 -10.17 -3.90 -16.43
CA ARG A 376 -10.54 -4.37 -17.75
C ARG A 376 -9.30 -4.78 -18.55
N GLU A 377 -8.24 -3.98 -18.49
CA GLU A 377 -7.04 -4.26 -19.25
C GLU A 377 -6.45 -5.61 -18.85
N LEU A 378 -6.30 -5.85 -17.56
CA LEU A 378 -5.78 -7.14 -17.12
C LEU A 378 -6.77 -8.27 -17.40
N ASN A 379 -8.07 -8.00 -17.32
CA ASN A 379 -9.06 -9.01 -17.67
C ASN A 379 -8.90 -9.44 -19.12
N HIS A 380 -8.81 -8.48 -20.04
CA HIS A 380 -8.57 -8.80 -21.43
C HIS A 380 -7.24 -9.54 -21.60
N LEU A 381 -6.20 -9.03 -20.97
CA LEU A 381 -4.85 -9.56 -21.18
C LEU A 381 -4.74 -11.00 -20.69
N LEU A 382 -5.42 -11.33 -19.59
CA LEU A 382 -5.34 -12.69 -19.08
C LEU A 382 -5.93 -13.69 -20.06
N TYR A 383 -6.88 -13.27 -20.88
CA TYR A 383 -7.50 -14.19 -21.83
C TYR A 383 -6.60 -14.41 -23.05
N GLN A 384 -6.10 -13.32 -23.63
CA GLN A 384 -5.28 -13.45 -24.83
C GLN A 384 -3.99 -14.23 -24.54
N ARG A 385 -3.47 -14.12 -23.30
CA ARG A 385 -2.31 -14.92 -22.92
C ARG A 385 -2.65 -16.38 -22.68
N GLY A 386 -3.93 -16.69 -22.49
CA GLY A 386 -4.35 -18.06 -22.28
C GLY A 386 -4.37 -18.52 -20.84
N TYR A 387 -4.09 -17.65 -19.89
CA TYR A 387 -4.28 -18.00 -18.48
C TYR A 387 -5.76 -18.26 -18.22
N TYR A 388 -6.04 -19.29 -17.43
CA TYR A 388 -7.42 -19.54 -17.04
C TYR A 388 -7.87 -18.64 -15.91
N ASN A 389 -6.96 -18.30 -14.99
CA ASN A 389 -7.23 -17.30 -13.96
C ASN A 389 -5.91 -16.65 -13.56
N LEU A 390 -6.02 -15.62 -12.72
CA LEU A 390 -4.84 -14.84 -12.36
C LEU A 390 -3.84 -15.68 -11.59
N LYS A 391 -4.31 -16.51 -10.66
CA LYS A 391 -3.39 -17.18 -9.74
C LYS A 391 -2.37 -18.06 -10.47
N GLU A 392 -2.74 -18.65 -11.60
CA GLU A 392 -1.81 -19.48 -12.34
C GLU A 392 -0.80 -18.66 -13.15
N ALA A 393 -0.92 -17.34 -13.15
CA ALA A 393 0.09 -16.49 -13.76
C ALA A 393 1.19 -16.08 -12.79
N ILE A 394 1.00 -16.35 -11.50
CA ILE A 394 1.92 -15.85 -10.47
C ILE A 394 3.23 -16.60 -10.57
N GLY A 395 4.31 -15.86 -10.82
CA GLY A 395 5.63 -16.46 -10.90
C GLY A 395 5.94 -17.18 -12.19
N ARG A 396 5.21 -16.88 -13.26
CA ARG A 396 5.39 -17.62 -14.49
C ARG A 396 6.64 -17.22 -15.25
N LYS A 397 7.12 -15.98 -15.08
CA LYS A 397 8.35 -15.58 -15.77
C LYS A 397 9.51 -16.48 -15.40
N HIS A 398 9.43 -17.16 -14.26
CA HIS A 398 10.51 -18.01 -13.79
C HIS A 398 10.29 -19.45 -14.23
C12 RL7 B . -6.45 12.90 -8.55
C16 RL7 B . -3.41 13.68 -6.53
C17 RL7 B . -2.02 14.28 -6.23
O22 RL7 B . -1.54 15.11 -6.94
C23 RL7 B . -4.15 13.80 -7.70
C02 RL7 B . -8.54 13.95 -9.42
C03 RL7 B . -7.47 14.04 -8.52
C04 RL7 B . -7.36 15.14 -7.67
C05 RL7 B . -8.34 16.13 -7.70
C06 RL7 B . -9.40 16.04 -8.59
C07 RL7 B . -10.47 17.14 -8.65
C11 RL7 B . -9.50 14.95 -9.46
C13 RL7 B . -5.31 13.07 -7.52
C14 RL7 B . -5.25 12.48 -6.27
C19 RL7 B . 0.03 14.26 -4.76
C20 RL7 B . 1.10 13.90 -5.83
C21 RL7 B . 1.07 13.16 -4.48
C24 RL7 B . -3.77 14.62 -8.95
F01 RL7 B . -8.63 12.88 -10.26
F08 RL7 B . -10.75 17.56 -7.38
F09 RL7 B . -11.61 16.63 -9.22
F10 RL7 B . -10.01 18.19 -9.39
N15 RL7 B . -4.09 12.86 -5.70
N18 RL7 B . -1.31 13.76 -5.07
H122 RL7 B . -6.91 12.07 -8.36
H121 RL7 B . -6.06 12.85 -9.44
H041 RL7 B . -6.66 15.19 -7.07
H051 RL7 B . -8.27 16.87 -7.13
H111 RL7 B . -10.22 14.90 -10.06
H141 RL7 B . -5.90 11.93 -5.90
H191 RL7 B . 0.16 15.10 -4.29
H202 RL7 B . 0.78 13.40 -6.58
H201 RL7 B . 1.81 14.55 -5.93
H211 RL7 B . 1.78 13.40 -3.86
H212 RL7 B . 0.74 12.25 -4.51
H241 RL7 B . -3.98 14.12 -9.75
H243 RL7 B . -2.82 14.82 -8.93
H242 RL7 B . -4.27 15.45 -8.96
H151 RL7 B . -3.82 12.62 -4.91
H181 RL7 B . -1.67 13.17 -4.57
N1 FMN C . 4.67 4.36 1.32
C2 FMN C . 4.51 3.92 2.62
O2 FMN C . 4.81 2.77 2.91
N3 FMN C . 4.03 4.78 3.58
C4 FMN C . 3.71 6.08 3.24
O4 FMN C . 3.28 6.86 4.10
C4A FMN C . 3.87 6.52 1.94
N5 FMN C . 3.56 7.81 1.60
C5A FMN C . 3.70 8.25 0.30
C6 FMN C . 3.37 9.56 -0.03
C7 FMN C . 3.53 10.00 -1.33
C7M FMN C . 3.16 11.42 -1.67
C8 FMN C . 4.01 9.14 -2.32
C8M FMN C . 4.19 9.59 -3.73
C9 FMN C . 4.34 7.83 -1.98
C9A FMN C . 4.18 7.38 -0.67
N10 FMN C . 4.50 6.08 -0.33
C10 FMN C . 4.34 5.66 0.97
C1' FMN C . 5.04 5.12 -1.36
C2' FMN C . 3.89 4.51 -2.16
O2' FMN C . 3.01 3.84 -1.26
C3' FMN C . 4.34 3.54 -3.24
O3' FMN C . 5.08 2.50 -2.64
C4' FMN C . 5.21 4.25 -4.28
O4' FMN C . 4.65 5.51 -4.56
C5' FMN C . 5.37 3.47 -5.57
O5' FMN C . 4.12 3.27 -6.19
P FMN C . 3.79 3.96 -7.61
O1P FMN C . 3.41 5.40 -7.34
O2P FMN C . 2.65 3.25 -8.29
O3P FMN C . 5.01 3.93 -8.51
HN3 FMN C . 3.92 4.46 4.56
H6 FMN C . 2.99 10.23 0.74
HM71 FMN C . 2.82 11.47 -2.70
HM72 FMN C . 2.37 11.75 -1.01
HM73 FMN C . 4.04 12.06 -1.55
HM81 FMN C . 4.66 8.79 -4.30
HM82 FMN C . 4.83 10.47 -3.74
HM83 FMN C . 3.22 9.83 -4.16
H9 FMN C . 4.72 7.16 -2.74
H1'1 FMN C . 5.60 4.32 -0.88
H1'2 FMN C . 5.71 5.64 -2.04
H2' FMN C . 3.37 5.33 -2.66
HO2' FMN C . 2.93 2.91 -1.54
H3' FMN C . 3.47 3.13 -3.74
H4' FMN C . 6.20 4.35 -3.84
HO4' FMN C . 4.46 5.58 -5.53
H5'1 FMN C . 5.84 2.51 -5.37
H5'2 FMN C . 6.03 4.02 -6.25
N1 ORO D . 7.38 8.83 1.43
C2 ORO D . 7.68 7.74 0.65
O2 ORO D . 7.99 7.89 -0.50
N3 ORO D . 7.62 6.51 1.19
C4 ORO D . 7.26 6.35 2.48
O4 ORO D . 7.21 5.26 2.95
C5 ORO D . 6.98 7.43 3.25
C6 ORO D . 7.02 8.68 2.69
C7 ORO D . 6.70 9.90 3.53
O71 ORO D . 5.68 9.90 4.32
O72 ORO D . 7.44 10.90 3.46
HN1 ORO D . 7.40 9.63 1.08
HN3 ORO D . 7.82 5.75 0.65
H5 ORO D . 6.71 7.32 4.23
#